data_5IG1
#
_entry.id   5IG1
#
_cell.length_a   100.031
_cell.length_b   100.031
_cell.length_c   123.792
_cell.angle_alpha   90.00
_cell.angle_beta   90.00
_cell.angle_gamma   90.00
#
_symmetry.space_group_name_H-M   'P 43'
#
loop_
_entity.id
_entity.type
_entity.pdbx_description
1 polymer 'CAMK/CAMK2 protein kinase'
2 non-polymer 'PHOSPHATE ION'
3 water water
#
_entity_poly.entity_id   1
_entity_poly.type   'polypeptide(L)'
_entity_poly.pdbx_seq_one_letter_code
;GPHMETETSFFDLYDVDLKDKRSVIGKGAFSTVHRCVNKRTGEVCAVKVIALKSLRSSEINKIKREIGICSSLQHEHIVS
MRRAFRDESHFYLVFEYVSGGELFDEIVTRKFYNEKDASACMHQILSALQHCHSKNIIHRDLKPENLLLASKDPNAPVKI
TDFGLAVIMEQGPTYFGFAGTPGYLSPEVIRRVPYDTAVDVWACGVILYILLVGYPPFWEEDHQKLYAQIKNCQYDFPSP
EWDSVTTAAKELIKAMLEPNPKRRPTVQELLQHPWIARRDVPGSVHRQATLEELKKFNARRKLKGGVNAVIGVSKMMRTM
QEATRALTLSAKSAAALEHHHHHH
;
_entity_poly.pdbx_strand_id   A,B
#
# COMPACT_ATOMS: atom_id res chain seq x y z
N MET A 4 -27.09 -4.64 4.17
CA MET A 4 -27.94 -4.97 3.03
C MET A 4 -29.07 -5.93 3.42
N GLU A 5 -30.18 -5.87 2.68
CA GLU A 5 -31.35 -6.69 2.97
C GLU A 5 -31.15 -8.07 2.38
N THR A 6 -30.84 -9.03 3.24
CA THR A 6 -30.66 -10.42 2.82
C THR A 6 -31.92 -11.25 2.96
N GLU A 7 -32.97 -10.72 3.60
CA GLU A 7 -34.21 -11.46 3.82
C GLU A 7 -35.35 -11.03 2.91
N THR A 8 -35.44 -9.75 2.57
CA THR A 8 -36.50 -9.26 1.70
C THR A 8 -36.01 -9.24 0.26
N SER A 9 -36.90 -9.58 -0.66
CA SER A 9 -36.54 -9.62 -2.07
C SER A 9 -36.63 -8.23 -2.67
N PHE A 10 -35.63 -7.87 -3.47
CA PHE A 10 -35.70 -6.65 -4.25
C PHE A 10 -37.03 -6.57 -5.00
N PHE A 11 -37.47 -7.69 -5.57
CA PHE A 11 -38.70 -7.71 -6.34
C PHE A 11 -39.94 -7.50 -5.48
N ASP A 12 -39.81 -7.60 -4.16
CA ASP A 12 -40.93 -7.29 -3.28
C ASP A 12 -41.10 -5.79 -3.08
N LEU A 13 -40.00 -5.04 -3.04
CA LEU A 13 -40.06 -3.60 -2.83
C LEU A 13 -40.01 -2.81 -4.12
N TYR A 14 -39.35 -3.33 -5.15
CA TYR A 14 -39.21 -2.63 -6.42
C TYR A 14 -39.80 -3.46 -7.54
N ASP A 15 -40.24 -2.76 -8.59
CA ASP A 15 -40.84 -3.40 -9.75
C ASP A 15 -39.97 -3.11 -10.97
N VAL A 16 -39.66 -4.16 -11.73
CA VAL A 16 -38.91 -4.04 -12.97
C VAL A 16 -39.01 -5.36 -13.71
N ASP A 17 -39.14 -5.28 -15.03
CA ASP A 17 -39.05 -6.46 -15.89
C ASP A 17 -37.62 -6.51 -16.42
N LEU A 18 -36.81 -7.37 -15.82
CA LEU A 18 -35.41 -7.48 -16.24
C LEU A 18 -35.27 -8.01 -17.66
N LYS A 19 -36.33 -8.58 -18.23
CA LYS A 19 -36.29 -9.11 -19.59
C LYS A 19 -36.55 -8.05 -20.65
N ASP A 20 -37.30 -6.99 -20.31
CA ASP A 20 -37.60 -5.95 -21.27
C ASP A 20 -36.35 -5.15 -21.62
N LYS A 21 -36.22 -4.79 -22.90
CA LYS A 21 -35.05 -4.04 -23.34
C LYS A 21 -35.11 -2.59 -22.89
N ARG A 22 -36.29 -1.98 -22.93
CA ARG A 22 -36.43 -0.57 -22.56
C ARG A 22 -36.21 -0.31 -21.08
N SER A 23 -36.03 -1.35 -20.27
CA SER A 23 -35.72 -1.15 -18.85
C SER A 23 -34.23 -1.01 -18.61
N VAL A 24 -33.39 -1.42 -19.55
CA VAL A 24 -31.94 -1.46 -19.34
C VAL A 24 -31.37 -0.06 -19.46
N ILE A 25 -30.86 0.48 -18.36
CA ILE A 25 -30.16 1.76 -18.38
C ILE A 25 -28.73 1.58 -18.87
N GLY A 26 -28.06 0.50 -18.45
CA GLY A 26 -26.66 0.31 -18.82
C GLY A 26 -26.22 -1.13 -18.84
N LYS A 27 -25.38 -1.50 -19.80
CA LYS A 27 -24.87 -2.85 -19.93
C LYS A 27 -23.37 -2.85 -19.65
N GLY A 28 -22.97 -3.46 -18.53
CA GLY A 28 -21.58 -3.63 -18.17
C GLY A 28 -21.20 -5.10 -18.18
N ALA A 29 -19.89 -5.34 -18.11
CA ALA A 29 -19.37 -6.70 -18.19
C ALA A 29 -19.62 -7.50 -16.91
N PHE A 30 -19.83 -6.83 -15.78
CA PHE A 30 -20.04 -7.52 -14.52
C PHE A 30 -21.41 -7.25 -13.92
N SER A 31 -22.20 -6.34 -14.50
CA SER A 31 -23.51 -6.02 -13.97
C SER A 31 -24.34 -5.44 -15.09
N THR A 32 -25.64 -5.33 -14.85
CA THR A 32 -26.56 -4.67 -15.76
C THR A 32 -27.47 -3.77 -14.96
N VAL A 33 -27.58 -2.51 -15.37
CA VAL A 33 -28.37 -1.51 -14.65
C VAL A 33 -29.70 -1.34 -15.36
N HIS A 34 -30.79 -1.60 -14.64
CA HIS A 34 -32.15 -1.47 -15.14
C HIS A 34 -32.86 -0.32 -14.43
N ARG A 35 -33.85 0.26 -15.11
CA ARG A 35 -34.73 1.23 -14.50
C ARG A 35 -35.84 0.50 -13.77
N CYS A 36 -35.96 0.71 -12.47
CA CYS A 36 -36.98 0.09 -11.64
C CYS A 36 -37.76 1.17 -10.91
N VAL A 37 -38.91 0.77 -10.35
CA VAL A 37 -39.79 1.69 -9.66
C VAL A 37 -40.11 1.13 -8.28
N ASN A 38 -39.94 1.96 -7.25
CA ASN A 38 -40.30 1.57 -5.89
C ASN A 38 -41.79 1.25 -5.82
N LYS A 39 -42.12 0.00 -5.46
CA LYS A 39 -43.51 -0.39 -5.38
C LYS A 39 -44.29 0.51 -4.43
N ARG A 40 -43.68 0.91 -3.32
CA ARG A 40 -44.44 1.65 -2.31
C ARG A 40 -44.46 3.13 -2.58
N THR A 41 -43.31 3.74 -2.90
CA THR A 41 -43.22 5.18 -3.03
C THR A 41 -43.33 5.69 -4.46
N GLY A 42 -43.20 4.83 -5.46
CA GLY A 42 -43.23 5.29 -6.83
C GLY A 42 -41.95 5.98 -7.28
N GLU A 43 -40.91 5.97 -6.45
CA GLU A 43 -39.65 6.56 -6.84
C GLU A 43 -39.01 5.75 -7.97
N VAL A 44 -38.53 6.46 -8.99
CA VAL A 44 -37.80 5.84 -10.08
C VAL A 44 -36.34 5.70 -9.69
N CYS A 45 -35.80 4.49 -9.86
CA CYS A 45 -34.48 4.12 -9.38
C CYS A 45 -33.74 3.35 -10.46
N ALA A 46 -32.42 3.27 -10.29
CA ALA A 46 -31.57 2.45 -11.15
C ALA A 46 -31.08 1.29 -10.30
N VAL A 47 -31.58 0.09 -10.56
CA VAL A 47 -31.08 -1.10 -9.90
C VAL A 47 -29.89 -1.65 -10.68
N LYS A 48 -28.81 -1.95 -9.96
CA LYS A 48 -27.64 -2.60 -10.52
C LYS A 48 -27.75 -4.09 -10.19
N VAL A 49 -28.06 -4.90 -11.21
CA VAL A 49 -28.22 -6.33 -11.04
C VAL A 49 -26.89 -7.01 -11.30
N ILE A 50 -26.48 -7.88 -10.38
CA ILE A 50 -25.22 -8.60 -10.47
C ILE A 50 -25.50 -10.07 -10.21
N ALA A 51 -25.48 -10.89 -11.26
CA ALA A 51 -25.64 -12.32 -11.07
C ALA A 51 -24.45 -12.88 -10.30
N LEU A 52 -24.75 -13.77 -9.34
CA LEU A 52 -23.71 -14.39 -8.51
C LEU A 52 -23.05 -15.58 -9.17
N LYS A 53 -23.59 -16.06 -10.30
CA LYS A 53 -23.25 -17.36 -10.87
C LYS A 53 -21.77 -17.66 -10.94
N SER A 54 -21.05 -17.01 -11.85
CA SER A 54 -19.65 -17.32 -12.09
C SER A 54 -18.71 -16.57 -11.15
N LEU A 55 -19.23 -15.90 -10.13
CA LEU A 55 -18.44 -14.98 -9.32
C LEU A 55 -17.56 -15.76 -8.35
N ARG A 56 -16.26 -15.48 -8.40
CA ARG A 56 -15.37 -15.95 -7.35
C ARG A 56 -15.65 -15.20 -6.05
N SER A 57 -15.04 -15.66 -4.96
CA SER A 57 -15.26 -15.04 -3.66
C SER A 57 -14.74 -13.60 -3.64
N SER A 58 -13.60 -13.36 -4.31
CA SER A 58 -13.03 -12.01 -4.30
C SER A 58 -13.99 -11.00 -4.92
N GLU A 59 -14.68 -11.39 -5.99
CA GLU A 59 -15.61 -10.47 -6.65
C GLU A 59 -16.82 -10.19 -5.76
N ILE A 60 -17.35 -11.23 -5.11
CA ILE A 60 -18.49 -11.06 -4.22
C ILE A 60 -18.14 -10.14 -3.06
N ASN A 61 -16.96 -10.32 -2.46
CA ASN A 61 -16.58 -9.44 -1.38
C ASN A 61 -16.24 -8.05 -1.87
N LYS A 62 -15.78 -7.93 -3.11
CA LYS A 62 -15.65 -6.59 -3.70
C LYS A 62 -17.01 -5.92 -3.76
N ILE A 63 -18.04 -6.68 -4.13
CA ILE A 63 -19.39 -6.11 -4.18
C ILE A 63 -19.86 -5.69 -2.80
N LYS A 64 -19.69 -6.57 -1.81
CA LYS A 64 -20.11 -6.24 -0.44
C LYS A 64 -19.37 -5.01 0.06
N ARG A 65 -18.08 -4.88 -0.29
CA ARG A 65 -17.34 -3.67 0.02
C ARG A 65 -18.01 -2.46 -0.62
N GLU A 66 -18.36 -2.57 -1.90
CA GLU A 66 -19.05 -1.48 -2.57
C GLU A 66 -20.33 -1.11 -1.87
N ILE A 67 -21.03 -2.10 -1.30
CA ILE A 67 -22.29 -1.84 -0.63
C ILE A 67 -22.07 -1.10 0.67
N GLY A 68 -21.08 -1.54 1.46
CA GLY A 68 -20.77 -0.82 2.69
C GLY A 68 -20.37 0.61 2.44
N ILE A 69 -19.45 0.82 1.50
CA ILE A 69 -19.00 2.18 1.19
C ILE A 69 -20.15 3.02 0.67
N CYS A 70 -20.90 2.49 -0.29
CA CYS A 70 -22.01 3.24 -0.88
C CYS A 70 -23.08 3.57 0.14
N SER A 71 -23.25 2.73 1.16
CA SER A 71 -24.21 3.07 2.20
C SER A 71 -23.64 4.09 3.19
N SER A 72 -22.31 4.13 3.33
CA SER A 72 -21.69 5.15 4.17
C SER A 72 -21.74 6.55 3.55
N LEU A 73 -22.07 6.65 2.27
CA LEU A 73 -21.96 7.91 1.53
C LEU A 73 -23.35 8.51 1.29
N GLN A 74 -23.59 9.67 1.89
CA GLN A 74 -24.80 10.45 1.60
C GLN A 74 -24.36 11.88 1.25
N HIS A 75 -24.30 12.16 -0.06
CA HIS A 75 -23.85 13.46 -0.54
C HIS A 75 -24.61 13.79 -1.81
N GLU A 76 -24.80 15.09 -2.05
CA GLU A 76 -25.57 15.54 -3.21
C GLU A 76 -24.90 15.11 -4.51
N HIS A 77 -23.57 15.11 -4.56
CA HIS A 77 -22.84 14.81 -5.79
C HIS A 77 -22.27 13.41 -5.81
N ILE A 78 -22.87 12.51 -5.03
CA ILE A 78 -22.59 11.08 -5.08
C ILE A 78 -23.92 10.39 -5.33
N VAL A 79 -23.99 9.57 -6.38
CA VAL A 79 -25.18 8.79 -6.67
C VAL A 79 -25.53 7.93 -5.47
N SER A 80 -26.64 8.25 -4.81
CA SER A 80 -26.98 7.63 -3.54
C SER A 80 -27.54 6.23 -3.77
N MET A 81 -26.98 5.25 -3.06
CA MET A 81 -27.55 3.91 -3.02
C MET A 81 -28.71 3.90 -2.03
N ARG A 82 -29.92 3.73 -2.55
CA ARG A 82 -31.11 3.65 -1.70
C ARG A 82 -31.05 2.43 -0.79
N ARG A 83 -30.88 1.25 -1.37
CA ARG A 83 -30.86 0.01 -0.61
C ARG A 83 -30.18 -1.05 -1.46
N ALA A 84 -29.66 -2.07 -0.78
CA ALA A 84 -28.96 -3.17 -1.43
C ALA A 84 -29.56 -4.49 -1.00
N PHE A 85 -29.72 -5.40 -1.95
CA PHE A 85 -30.32 -6.70 -1.72
C PHE A 85 -29.38 -7.80 -2.19
N ARG A 86 -29.52 -8.96 -1.56
CA ARG A 86 -28.83 -10.17 -1.99
C ARG A 86 -29.77 -11.35 -1.77
N ASP A 87 -30.09 -12.07 -2.83
CA ASP A 87 -30.82 -13.31 -2.72
C ASP A 87 -29.88 -14.47 -3.04
N GLU A 88 -30.42 -15.59 -3.52
CA GLU A 88 -29.64 -16.79 -3.75
C GLU A 88 -28.97 -16.81 -5.12
N SER A 89 -29.09 -15.74 -5.90
CA SER A 89 -28.59 -15.76 -7.26
C SER A 89 -28.12 -14.40 -7.74
N HIS A 90 -28.61 -13.33 -7.11
CA HIS A 90 -28.31 -11.98 -7.58
C HIS A 90 -28.05 -11.04 -6.43
N PHE A 91 -27.25 -10.02 -6.72
CA PHE A 91 -27.18 -8.77 -5.99
C PHE A 91 -28.06 -7.76 -6.70
N TYR A 92 -28.79 -6.96 -5.93
CA TYR A 92 -29.54 -5.83 -6.47
C TYR A 92 -29.13 -4.59 -5.68
N LEU A 93 -28.44 -3.68 -6.35
CA LEU A 93 -27.98 -2.44 -5.73
C LEU A 93 -28.85 -1.31 -6.26
N VAL A 94 -29.87 -0.94 -5.49
CA VAL A 94 -30.79 0.12 -5.89
C VAL A 94 -30.12 1.47 -5.66
N PHE A 95 -30.09 2.30 -6.69
CA PHE A 95 -29.50 3.63 -6.64
C PHE A 95 -30.54 4.68 -7.05
N GLU A 96 -30.28 5.92 -6.65
CA GLU A 96 -31.10 7.02 -7.12
C GLU A 96 -30.98 7.12 -8.64
N TYR A 97 -32.10 7.46 -9.28
CA TYR A 97 -32.13 7.53 -10.73
C TYR A 97 -31.27 8.67 -11.24
N VAL A 98 -30.46 8.37 -12.25
CA VAL A 98 -29.56 9.31 -12.89
C VAL A 98 -29.81 9.20 -14.38
N SER A 99 -30.28 10.29 -14.99
CA SER A 99 -30.72 10.25 -16.38
C SER A 99 -29.97 11.19 -17.30
N GLY A 100 -28.96 11.90 -16.80
CA GLY A 100 -28.23 12.83 -17.65
C GLY A 100 -27.09 12.21 -18.43
N GLY A 101 -26.75 10.97 -18.12
CA GLY A 101 -25.65 10.30 -18.77
C GLY A 101 -24.30 10.78 -18.26
N GLU A 102 -23.27 10.37 -18.99
CA GLU A 102 -21.90 10.75 -18.67
C GLU A 102 -21.67 12.22 -18.98
N LEU A 103 -20.96 12.90 -18.08
CA LEU A 103 -20.67 14.33 -18.23
C LEU A 103 -19.97 14.63 -19.55
N PHE A 104 -19.02 13.78 -19.94
CA PHE A 104 -18.25 14.07 -21.15
C PHE A 104 -19.10 13.86 -22.39
N ASP A 105 -20.08 12.96 -22.34
CA ASP A 105 -20.99 12.80 -23.46
C ASP A 105 -21.94 13.99 -23.59
N GLU A 106 -22.11 14.78 -22.54
CA GLU A 106 -23.03 15.91 -22.59
C GLU A 106 -22.32 17.21 -22.93
N ILE A 107 -21.08 17.38 -22.44
CA ILE A 107 -20.32 18.58 -22.76
C ILE A 107 -20.16 18.73 -24.28
N VAL A 108 -19.94 17.62 -24.99
CA VAL A 108 -19.76 17.69 -26.44
C VAL A 108 -21.03 18.17 -27.14
N THR A 109 -22.18 18.09 -26.48
CA THR A 109 -23.42 18.56 -27.08
C THR A 109 -23.75 20.00 -26.71
N ARG A 110 -22.93 20.65 -25.88
CA ARG A 110 -23.21 22.02 -25.47
C ARG A 110 -22.83 22.99 -26.58
N LYS A 111 -23.64 24.04 -26.73
CA LYS A 111 -23.28 25.12 -27.65
C LYS A 111 -22.28 26.08 -27.02
N PHE A 112 -22.16 26.05 -25.70
CA PHE A 112 -21.27 26.96 -24.98
C PHE A 112 -20.63 26.19 -23.84
N TYR A 113 -19.31 26.22 -23.78
CA TYR A 113 -18.56 25.50 -22.75
C TYR A 113 -17.26 26.26 -22.54
N ASN A 114 -17.01 26.65 -21.29
CA ASN A 114 -15.84 27.44 -20.96
C ASN A 114 -15.25 26.93 -19.66
N GLU A 115 -14.16 27.56 -19.23
CA GLU A 115 -13.50 27.12 -18.00
C GLU A 115 -14.42 27.22 -16.80
N LYS A 116 -15.37 28.16 -16.81
CA LYS A 116 -16.29 28.30 -15.69
C LYS A 116 -17.16 27.06 -15.55
N ASP A 117 -17.68 26.54 -16.66
CA ASP A 117 -18.41 25.29 -16.62
C ASP A 117 -17.53 24.15 -16.11
N ALA A 118 -16.30 24.07 -16.64
CA ALA A 118 -15.38 23.02 -16.19
C ALA A 118 -15.09 23.15 -14.69
N SER A 119 -15.10 24.38 -14.18
CA SER A 119 -14.85 24.61 -12.77
C SER A 119 -16.07 24.26 -11.94
N ALA A 120 -17.27 24.41 -12.49
CA ALA A 120 -18.46 23.96 -11.78
C ALA A 120 -18.48 22.45 -11.69
N CYS A 121 -18.19 21.76 -12.80
CA CYS A 121 -18.09 20.31 -12.78
C CYS A 121 -17.03 19.86 -11.77
N MET A 122 -15.82 20.43 -11.88
CA MET A 122 -14.75 20.02 -10.98
C MET A 122 -15.07 20.37 -9.54
N HIS A 123 -15.82 21.45 -9.32
CA HIS A 123 -16.22 21.80 -7.97
C HIS A 123 -17.11 20.71 -7.40
N GLN A 124 -18.10 20.26 -8.17
CA GLN A 124 -18.98 19.20 -7.69
C GLN A 124 -18.21 17.90 -7.46
N ILE A 125 -17.37 17.50 -8.41
CA ILE A 125 -16.54 16.31 -8.23
C ILE A 125 -15.70 16.42 -6.98
N LEU A 126 -15.05 17.57 -6.80
CA LEU A 126 -14.18 17.77 -5.65
C LEU A 126 -14.96 17.73 -4.35
N SER A 127 -16.15 18.31 -4.30
CA SER A 127 -16.91 18.30 -3.06
C SER A 127 -17.34 16.89 -2.69
N ALA A 128 -17.83 16.13 -3.67
CA ALA A 128 -18.12 14.73 -3.44
C ALA A 128 -16.89 13.99 -2.92
N LEU A 129 -15.73 14.24 -3.55
CA LEU A 129 -14.49 13.62 -3.08
C LEU A 129 -14.14 14.04 -1.66
N GLN A 130 -14.43 15.29 -1.30
CA GLN A 130 -14.18 15.74 0.07
C GLN A 130 -15.02 14.94 1.05
N HIS A 131 -16.27 14.66 0.67
CA HIS A 131 -17.11 13.81 1.52
C HIS A 131 -16.57 12.39 1.59
N CYS A 132 -16.04 11.87 0.49
CA CYS A 132 -15.48 10.53 0.51
C CYS A 132 -14.24 10.47 1.39
N HIS A 133 -13.26 11.32 1.11
CA HIS A 133 -12.00 11.31 1.85
C HIS A 133 -12.18 11.65 3.32
N SER A 134 -13.17 12.48 3.64
CA SER A 134 -13.50 12.73 5.04
C SER A 134 -13.86 11.44 5.76
N LYS A 135 -14.50 10.51 5.05
CA LYS A 135 -14.82 9.20 5.59
C LYS A 135 -13.76 8.16 5.27
N ASN A 136 -12.56 8.60 4.87
CA ASN A 136 -11.43 7.70 4.61
C ASN A 136 -11.71 6.74 3.48
N ILE A 137 -12.45 7.20 2.48
CA ILE A 137 -12.82 6.40 1.32
C ILE A 137 -12.03 6.90 0.12
N ILE A 138 -11.36 5.97 -0.57
CA ILE A 138 -10.63 6.25 -1.79
C ILE A 138 -11.40 5.61 -2.95
N HIS A 139 -11.89 6.44 -3.87
CA HIS A 139 -12.65 5.92 -5.00
C HIS A 139 -11.78 5.04 -5.90
N ARG A 140 -10.53 5.45 -6.13
CA ARG A 140 -9.50 4.69 -6.84
C ARG A 140 -9.74 4.59 -8.34
N ASP A 141 -10.97 4.84 -8.81
CA ASP A 141 -11.29 4.64 -10.22
C ASP A 141 -12.13 5.79 -10.76
N LEU A 142 -11.67 7.02 -10.55
CA LEU A 142 -12.35 8.18 -11.12
C LEU A 142 -12.04 8.28 -12.61
N LYS A 143 -13.10 8.36 -13.42
CA LYS A 143 -13.00 8.41 -14.87
C LYS A 143 -14.30 8.95 -15.42
N PRO A 144 -14.31 9.45 -16.66
CA PRO A 144 -15.55 10.04 -17.22
C PRO A 144 -16.74 9.12 -17.15
N GLU A 145 -16.53 7.80 -17.14
CA GLU A 145 -17.65 6.87 -17.05
C GLU A 145 -18.32 6.96 -15.68
N ASN A 146 -17.59 7.41 -14.65
CA ASN A 146 -18.15 7.54 -13.32
C ASN A 146 -18.62 8.95 -13.00
N LEU A 147 -18.55 9.88 -13.95
CA LEU A 147 -18.99 11.26 -13.74
C LEU A 147 -20.30 11.43 -14.50
N LEU A 148 -21.42 11.35 -13.79
CA LEU A 148 -22.73 11.39 -14.40
C LEU A 148 -23.42 12.71 -14.14
N LEU A 149 -24.49 12.94 -14.90
CA LEU A 149 -25.39 14.08 -14.70
C LEU A 149 -26.74 13.55 -14.21
N ALA A 150 -27.28 14.21 -13.19
CA ALA A 150 -28.52 13.73 -12.58
C ALA A 150 -29.68 13.70 -13.58
N SER A 151 -29.74 14.70 -14.46
CA SER A 151 -30.84 14.79 -15.42
C SER A 151 -30.32 15.41 -16.71
N LYS A 152 -31.10 15.24 -17.77
CA LYS A 152 -30.80 15.88 -19.04
C LYS A 152 -31.07 17.38 -19.01
N ASP A 153 -31.37 17.92 -17.84
CA ASP A 153 -31.62 19.35 -17.70
C ASP A 153 -30.28 20.10 -17.66
N PRO A 154 -30.20 21.30 -18.25
CA PRO A 154 -29.03 22.15 -17.99
C PRO A 154 -28.91 22.42 -16.50
N ASN A 155 -27.68 22.74 -16.08
CA ASN A 155 -27.38 22.99 -14.68
C ASN A 155 -27.76 21.82 -13.79
N ALA A 156 -27.90 20.62 -14.35
CA ALA A 156 -28.05 19.42 -13.55
C ALA A 156 -26.75 19.14 -12.78
N PRO A 157 -26.85 18.57 -11.59
CA PRO A 157 -25.65 18.34 -10.79
C PRO A 157 -24.83 17.17 -11.31
N VAL A 158 -23.52 17.31 -11.23
CA VAL A 158 -22.61 16.21 -11.49
C VAL A 158 -22.58 15.31 -10.26
N LYS A 159 -22.68 14.00 -10.49
CA LYS A 159 -22.65 13.01 -9.43
C LYS A 159 -21.63 11.93 -9.80
N ILE A 160 -20.74 11.60 -8.86
CA ILE A 160 -19.78 10.53 -9.07
C ILE A 160 -20.43 9.22 -8.64
N THR A 161 -19.92 8.12 -9.16
CA THR A 161 -20.58 6.82 -8.96
C THR A 161 -19.56 5.70 -9.15
N ASP A 162 -20.07 4.46 -9.12
CA ASP A 162 -19.26 3.25 -9.23
C ASP A 162 -18.14 3.20 -8.20
N PHE A 163 -18.46 2.81 -6.96
CA PHE A 163 -17.46 2.61 -5.92
C PHE A 163 -17.03 1.15 -5.79
N GLY A 164 -17.13 0.37 -6.87
CA GLY A 164 -16.73 -1.03 -6.81
C GLY A 164 -15.26 -1.20 -6.49
N LEU A 165 -14.42 -0.32 -7.00
CA LEU A 165 -13.00 -0.32 -6.69
C LEU A 165 -12.65 0.48 -5.45
N ALA A 166 -13.64 1.12 -4.83
CA ALA A 166 -13.39 1.96 -3.66
C ALA A 166 -12.83 1.13 -2.52
N VAL A 167 -11.93 1.75 -1.75
CA VAL A 167 -11.33 1.13 -0.58
C VAL A 167 -11.46 2.07 0.60
N ILE A 168 -11.36 1.51 1.79
CA ILE A 168 -11.38 2.26 3.04
C ILE A 168 -9.98 2.28 3.62
N MET A 169 -9.44 3.47 3.82
CA MET A 169 -8.08 3.65 4.31
C MET A 169 -8.14 3.92 5.82
N GLU A 170 -7.72 2.94 6.62
CA GLU A 170 -7.82 3.04 8.07
C GLU A 170 -6.56 3.55 8.75
N GLN A 171 -5.39 3.33 8.17
CA GLN A 171 -4.13 3.56 8.87
C GLN A 171 -3.13 4.27 7.95
N GLY A 172 -3.56 5.39 7.37
CA GLY A 172 -2.70 6.15 6.49
C GLY A 172 -2.37 5.40 5.22
N PRO A 173 -1.33 5.83 4.50
CA PRO A 173 -0.99 5.20 3.22
C PRO A 173 -0.87 3.69 3.31
N THR A 174 -1.65 2.98 2.50
CA THR A 174 -1.75 1.54 2.55
C THR A 174 -1.83 1.00 1.13
N TYR A 175 -1.28 -0.20 0.92
CA TYR A 175 -1.39 -0.85 -0.37
C TYR A 175 -2.76 -1.51 -0.48
N PHE A 176 -3.55 -1.10 -1.48
CA PHE A 176 -4.85 -1.67 -1.75
C PHE A 176 -4.88 -2.48 -3.04
N GLY A 177 -3.73 -2.67 -3.68
CA GLY A 177 -3.65 -3.37 -4.94
C GLY A 177 -3.55 -2.42 -6.12
N PHE A 178 -3.27 -2.99 -7.28
CA PHE A 178 -3.14 -2.24 -8.52
C PHE A 178 -4.49 -2.29 -9.23
N ALA A 179 -5.23 -1.18 -9.16
CA ALA A 179 -6.54 -1.07 -9.78
C ALA A 179 -6.74 0.33 -10.30
N GLY A 180 -7.73 0.49 -11.17
CA GLY A 180 -8.00 1.74 -11.85
C GLY A 180 -7.76 1.64 -13.34
N THR A 181 -8.34 2.57 -14.08
CA THR A 181 -8.11 2.57 -15.53
C THR A 181 -6.79 3.27 -15.85
N PRO A 182 -6.05 2.75 -16.85
CA PRO A 182 -4.64 3.15 -17.00
C PRO A 182 -4.41 4.64 -17.18
N GLY A 183 -5.23 5.30 -18.00
CA GLY A 183 -5.05 6.73 -18.24
C GLY A 183 -5.12 7.58 -17.00
N TYR A 184 -5.86 7.15 -15.97
CA TYR A 184 -6.06 7.97 -14.78
C TYR A 184 -5.28 7.43 -13.58
N LEU A 185 -4.44 6.42 -13.78
CA LEU A 185 -3.68 5.83 -12.68
C LEU A 185 -2.70 6.84 -12.10
N SER A 186 -2.62 6.86 -10.78
CA SER A 186 -1.65 7.69 -10.10
C SER A 186 -0.27 7.04 -10.14
N PRO A 187 0.80 7.84 -10.10
CA PRO A 187 2.13 7.24 -10.15
C PRO A 187 2.38 6.28 -8.99
N GLU A 188 1.86 6.61 -7.81
CA GLU A 188 2.04 5.76 -6.64
C GLU A 188 1.43 4.38 -6.83
N VAL A 189 0.27 4.32 -7.50
CA VAL A 189 -0.36 3.03 -7.74
C VAL A 189 0.43 2.25 -8.79
N ILE A 190 0.95 2.94 -9.80
CA ILE A 190 1.75 2.26 -10.81
C ILE A 190 3.02 1.69 -10.18
N ARG A 191 3.65 2.45 -9.30
CA ARG A 191 4.80 1.98 -8.54
C ARG A 191 4.43 0.91 -7.53
N ARG A 192 3.15 0.64 -7.33
CA ARG A 192 2.66 -0.35 -6.36
C ARG A 192 3.25 -0.11 -4.97
N VAL A 193 3.26 1.16 -4.56
CA VAL A 193 3.64 1.54 -3.21
C VAL A 193 2.35 1.84 -2.45
N PRO A 194 2.36 1.85 -1.12
CA PRO A 194 1.15 2.21 -0.39
C PRO A 194 0.69 3.62 -0.78
N TYR A 195 -0.63 3.75 -0.98
CA TYR A 195 -1.19 5.02 -1.41
C TYR A 195 -2.38 5.39 -0.53
N ASP A 196 -3.01 6.51 -0.87
CA ASP A 196 -4.01 7.12 -0.01
C ASP A 196 -5.01 7.87 -0.90
N THR A 197 -5.72 8.84 -0.31
CA THR A 197 -6.72 9.59 -1.06
C THR A 197 -6.11 10.40 -2.19
N ALA A 198 -4.82 10.74 -2.10
CA ALA A 198 -4.18 11.56 -3.13
C ALA A 198 -4.38 10.98 -4.52
N VAL A 199 -4.54 9.66 -4.64
CA VAL A 199 -4.71 9.07 -5.96
C VAL A 199 -5.94 9.63 -6.65
N ASP A 200 -7.04 9.79 -5.91
CA ASP A 200 -8.22 10.43 -6.47
C ASP A 200 -7.89 11.82 -6.99
N VAL A 201 -7.14 12.60 -6.21
CA VAL A 201 -6.74 13.93 -6.66
C VAL A 201 -6.04 13.84 -8.01
N TRP A 202 -5.13 12.86 -8.14
CA TRP A 202 -4.45 12.67 -9.42
C TRP A 202 -5.47 12.54 -10.54
N ALA A 203 -6.42 11.61 -10.39
CA ALA A 203 -7.42 11.43 -11.45
C ALA A 203 -8.12 12.74 -11.76
N CYS A 204 -8.44 13.52 -10.72
CA CYS A 204 -9.13 14.78 -10.96
C CYS A 204 -8.31 15.67 -11.89
N GLY A 205 -7.01 15.77 -11.62
CA GLY A 205 -6.11 16.47 -12.52
C GLY A 205 -6.27 15.99 -13.94
N VAL A 206 -6.12 14.68 -14.14
CA VAL A 206 -6.26 14.12 -15.48
C VAL A 206 -7.61 14.47 -16.06
N ILE A 207 -8.65 14.43 -15.23
CA ILE A 207 -9.99 14.77 -15.70
C ILE A 207 -10.08 16.25 -16.03
N LEU A 208 -9.56 17.10 -15.14
CA LEU A 208 -9.65 18.53 -15.35
C LEU A 208 -8.97 18.93 -16.66
N TYR A 209 -7.74 18.44 -16.86
CA TYR A 209 -7.04 18.56 -18.13
C TYR A 209 -7.97 18.30 -19.31
N ILE A 210 -8.62 17.13 -19.32
CA ILE A 210 -9.52 16.81 -20.41
C ILE A 210 -10.61 17.87 -20.52
N LEU A 211 -11.25 18.18 -19.39
CA LEU A 211 -12.31 19.17 -19.34
C LEU A 211 -11.90 20.48 -19.99
N LEU A 212 -10.61 20.79 -20.04
CA LEU A 212 -10.18 22.05 -20.63
C LEU A 212 -9.87 21.94 -22.12
N VAL A 213 -9.31 20.82 -22.57
CA VAL A 213 -8.82 20.73 -23.94
C VAL A 213 -9.37 19.55 -24.72
N GLY A 214 -9.96 18.53 -24.09
CA GLY A 214 -10.58 17.47 -24.84
C GLY A 214 -9.72 16.26 -25.12
N TYR A 215 -8.49 16.22 -24.62
CA TYR A 215 -7.60 15.07 -24.80
C TYR A 215 -6.85 14.87 -23.49
N PRO A 216 -6.44 13.64 -23.21
CA PRO A 216 -5.80 13.34 -21.91
C PRO A 216 -4.34 13.78 -21.91
N PRO A 217 -3.77 14.08 -20.74
CA PRO A 217 -2.35 14.43 -20.70
C PRO A 217 -1.44 13.23 -20.91
N PHE A 218 -1.86 12.05 -20.49
CA PHE A 218 -1.09 10.82 -20.68
C PHE A 218 -1.89 9.93 -21.63
N TRP A 219 -1.44 9.85 -22.87
CA TRP A 219 -2.08 9.00 -23.87
C TRP A 219 -1.00 8.16 -24.54
N GLU A 220 -1.10 6.84 -24.38
CA GLU A 220 -0.22 5.92 -25.08
C GLU A 220 -0.88 4.56 -25.17
N GLU A 221 -0.88 3.99 -26.37
CA GLU A 221 -1.45 2.66 -26.57
C GLU A 221 -0.68 1.61 -25.76
N ASP A 222 0.64 1.65 -25.84
CA ASP A 222 1.47 0.77 -25.03
C ASP A 222 1.34 1.17 -23.56
N HIS A 223 0.74 0.30 -22.76
CA HIS A 223 0.51 0.63 -21.36
C HIS A 223 1.80 0.76 -20.57
N GLN A 224 2.90 0.18 -21.05
CA GLN A 224 4.17 0.34 -20.35
C GLN A 224 4.74 1.74 -20.58
N LYS A 225 4.68 2.24 -21.82
CA LYS A 225 5.07 3.62 -22.07
C LYS A 225 4.09 4.59 -21.42
N LEU A 226 2.82 4.22 -21.30
CA LEU A 226 1.85 5.08 -20.61
C LEU A 226 2.18 5.18 -19.12
N TYR A 227 2.39 4.03 -18.48
CA TYR A 227 2.78 4.06 -17.06
C TYR A 227 4.10 4.80 -16.88
N ALA A 228 5.01 4.69 -17.86
CA ALA A 228 6.25 5.46 -17.80
C ALA A 228 5.96 6.95 -17.83
N GLN A 229 5.09 7.39 -18.75
CA GLN A 229 4.71 8.80 -18.82
C GLN A 229 4.11 9.27 -17.50
N ILE A 230 3.29 8.43 -16.86
CA ILE A 230 2.64 8.82 -15.63
C ILE A 230 3.65 8.91 -14.48
N LYS A 231 4.55 7.93 -14.39
CA LYS A 231 5.54 7.93 -13.32
C LYS A 231 6.44 9.16 -13.40
N ASN A 232 6.98 9.43 -14.58
CA ASN A 232 7.85 10.58 -14.79
C ASN A 232 7.07 11.88 -14.97
N CYS A 233 5.74 11.83 -14.90
CA CYS A 233 4.90 13.02 -15.01
C CYS A 233 5.17 13.76 -16.33
N GLN A 234 5.24 13.00 -17.42
CA GLN A 234 5.54 13.54 -18.74
C GLN A 234 4.24 13.96 -19.43
N TYR A 235 3.87 15.22 -19.22
CA TYR A 235 2.75 15.83 -19.91
C TYR A 235 3.07 17.30 -20.12
N ASP A 236 2.29 17.97 -20.96
CA ASP A 236 2.59 19.35 -21.29
C ASP A 236 1.30 20.08 -21.63
N PHE A 237 1.43 21.39 -21.81
CA PHE A 237 0.32 22.23 -22.25
C PHE A 237 0.61 22.70 -23.67
N PRO A 238 0.30 21.90 -24.69
CA PRO A 238 0.67 22.27 -26.06
C PRO A 238 -0.10 23.49 -26.56
N SER A 239 0.59 24.32 -27.33
CA SER A 239 -0.05 25.39 -28.09
C SER A 239 -0.75 24.78 -29.30
N PRO A 240 -1.82 25.42 -29.80
CA PRO A 240 -2.44 26.66 -29.33
C PRO A 240 -3.56 26.48 -28.32
N GLU A 241 -3.98 25.22 -28.08
CA GLU A 241 -5.14 24.97 -27.24
C GLU A 241 -4.99 25.62 -25.87
N TRP A 242 -3.82 25.46 -25.26
CA TRP A 242 -3.58 25.91 -23.90
C TRP A 242 -3.22 27.38 -23.79
N ASP A 243 -2.95 28.05 -24.91
CA ASP A 243 -2.63 29.47 -24.86
C ASP A 243 -3.83 30.29 -24.40
N SER A 244 -5.04 29.82 -24.65
CA SER A 244 -6.25 30.51 -24.22
C SER A 244 -6.80 29.96 -22.92
N VAL A 245 -6.00 29.23 -22.15
CA VAL A 245 -6.39 28.74 -20.84
C VAL A 245 -5.79 29.63 -19.78
N THR A 246 -6.54 29.89 -18.70
CA THR A 246 -6.02 30.66 -17.59
C THR A 246 -4.81 29.95 -16.98
N THR A 247 -3.82 30.73 -16.57
CA THR A 247 -2.71 30.14 -15.83
C THR A 247 -3.18 29.58 -14.50
N ALA A 248 -4.32 30.03 -13.99
CA ALA A 248 -4.85 29.45 -12.75
C ALA A 248 -5.21 27.99 -12.95
N ALA A 249 -5.90 27.69 -14.05
CA ALA A 249 -6.22 26.30 -14.34
C ALA A 249 -4.96 25.48 -14.56
N LYS A 250 -4.00 26.02 -15.33
CA LYS A 250 -2.75 25.31 -15.57
C LYS A 250 -2.04 24.99 -14.26
N GLU A 251 -1.95 25.96 -13.36
CA GLU A 251 -1.30 25.73 -12.08
C GLU A 251 -2.08 24.72 -11.25
N LEU A 252 -3.41 24.78 -11.31
CA LEU A 252 -4.23 23.82 -10.57
C LEU A 252 -3.96 22.40 -11.04
N ILE A 253 -3.85 22.20 -12.36
CA ILE A 253 -3.54 20.89 -12.89
C ILE A 253 -2.14 20.46 -12.50
N LYS A 254 -1.17 21.37 -12.61
CA LYS A 254 0.20 21.06 -12.18
C LYS A 254 0.22 20.58 -10.74
N ALA A 255 -0.64 21.17 -9.90
CA ALA A 255 -0.67 20.76 -8.49
C ALA A 255 -1.37 19.42 -8.33
N MET A 256 -2.50 19.23 -9.00
CA MET A 256 -3.20 17.96 -8.93
C MET A 256 -2.37 16.81 -9.50
N LEU A 257 -1.50 17.10 -10.46
CA LEU A 257 -0.62 16.10 -11.05
C LEU A 257 0.77 16.13 -10.45
N GLU A 258 0.87 16.36 -9.16
CA GLU A 258 2.18 16.29 -8.49
C GLU A 258 2.61 14.84 -8.36
N PRO A 259 3.80 14.48 -8.85
CA PRO A 259 4.20 13.05 -8.85
C PRO A 259 4.31 12.45 -7.46
N ASN A 260 4.51 13.25 -6.42
CA ASN A 260 4.65 12.74 -5.06
C ASN A 260 3.41 13.07 -4.24
N PRO A 261 2.73 12.08 -3.65
CA PRO A 261 1.44 12.36 -3.00
C PRO A 261 1.55 13.32 -1.83
N LYS A 262 2.71 13.36 -1.16
CA LYS A 262 2.87 14.27 -0.02
C LYS A 262 2.80 15.73 -0.48
N ARG A 263 3.40 16.04 -1.63
CA ARG A 263 3.34 17.39 -2.17
C ARG A 263 2.07 17.63 -2.99
N ARG A 264 1.12 16.70 -2.94
CA ARG A 264 -0.12 16.82 -3.69
C ARG A 264 -1.21 17.39 -2.82
N PRO A 265 -1.98 18.36 -3.30
CA PRO A 265 -3.01 18.97 -2.45
C PRO A 265 -4.08 17.97 -2.07
N THR A 266 -4.58 18.14 -0.84
CA THR A 266 -5.80 17.44 -0.47
C THR A 266 -6.98 18.05 -1.20
N VAL A 267 -8.11 17.34 -1.17
CA VAL A 267 -9.30 17.84 -1.84
C VAL A 267 -9.80 19.13 -1.19
N GLN A 268 -9.62 19.30 0.12
CA GLN A 268 -10.04 20.54 0.77
C GLN A 268 -9.21 21.71 0.26
N GLU A 269 -7.88 21.55 0.22
CA GLU A 269 -7.03 22.57 -0.37
C GLU A 269 -7.45 22.89 -1.80
N LEU A 270 -7.78 21.86 -2.59
CA LEU A 270 -8.24 22.11 -3.95
C LEU A 270 -9.52 22.93 -3.96
N LEU A 271 -10.47 22.58 -3.10
CA LEU A 271 -11.72 23.33 -3.02
C LEU A 271 -11.50 24.76 -2.60
N GLN A 272 -10.36 25.07 -1.98
CA GLN A 272 -10.01 26.45 -1.67
C GLN A 272 -9.04 27.06 -2.68
N HIS A 273 -8.91 26.46 -3.86
CA HIS A 273 -8.08 27.04 -4.91
C HIS A 273 -8.88 28.11 -5.66
N PRO A 274 -8.25 29.22 -6.03
CA PRO A 274 -9.01 30.32 -6.66
C PRO A 274 -9.77 29.91 -7.90
N TRP A 275 -9.21 28.99 -8.70
CA TRP A 275 -9.91 28.55 -9.91
C TRP A 275 -11.18 27.77 -9.59
N ILE A 276 -11.32 27.26 -8.38
CA ILE A 276 -12.49 26.47 -7.97
C ILE A 276 -13.45 27.29 -7.12
N ALA A 277 -12.93 28.09 -6.19
CA ALA A 277 -13.75 28.80 -5.22
C ALA A 277 -14.23 30.16 -5.70
N ARG A 278 -13.45 30.82 -6.55
CA ARG A 278 -13.80 32.13 -7.05
C ARG A 278 -14.51 31.99 -8.39
N ARG A 279 -15.70 32.58 -8.50
CA ARG A 279 -16.57 32.34 -9.64
C ARG A 279 -16.11 33.09 -10.89
N ASP A 280 -15.02 33.86 -10.80
CA ASP A 280 -14.58 34.69 -11.91
C ASP A 280 -13.10 34.49 -12.25
N VAL A 281 -12.42 33.55 -11.61
CA VAL A 281 -11.05 33.22 -11.95
C VAL A 281 -11.02 32.38 -13.23
N PRO A 282 -11.83 31.32 -13.37
CA PRO A 282 -11.78 30.54 -14.61
C PRO A 282 -12.12 31.37 -15.83
N GLY A 283 -11.56 30.96 -16.97
CA GLY A 283 -11.80 31.67 -18.21
C GLY A 283 -13.26 31.63 -18.62
N SER A 284 -13.62 32.59 -19.46
CA SER A 284 -15.00 32.74 -19.92
C SER A 284 -15.20 32.41 -21.38
N VAL A 285 -14.15 32.48 -22.20
CA VAL A 285 -14.30 32.27 -23.63
C VAL A 285 -14.75 30.85 -23.91
N HIS A 286 -15.58 30.68 -24.93
CA HIS A 286 -16.05 29.37 -25.34
C HIS A 286 -14.91 28.59 -26.01
N ARG A 287 -14.74 27.33 -25.60
CA ARG A 287 -13.67 26.48 -26.14
C ARG A 287 -14.30 25.44 -27.07
N GLN A 288 -14.52 25.83 -28.32
CA GLN A 288 -15.07 24.89 -29.29
C GLN A 288 -14.06 23.80 -29.64
N ALA A 289 -12.78 24.14 -29.71
CA ALA A 289 -11.75 23.14 -29.94
C ALA A 289 -11.81 22.04 -28.88
N THR A 290 -12.04 22.42 -27.62
CA THR A 290 -12.17 21.42 -26.57
C THR A 290 -13.34 20.49 -26.84
N LEU A 291 -14.41 21.03 -27.42
CA LEU A 291 -15.59 20.22 -27.71
C LEU A 291 -15.32 19.23 -28.84
N GLU A 292 -14.67 19.69 -29.92
CA GLU A 292 -14.38 18.79 -31.04
C GLU A 292 -13.38 17.70 -30.62
N GLU A 293 -12.27 18.12 -30.00
CA GLU A 293 -11.31 17.17 -29.48
C GLU A 293 -11.97 16.21 -28.49
N LEU A 294 -12.96 16.70 -27.75
CA LEU A 294 -13.64 15.86 -26.78
C LEU A 294 -14.55 14.84 -27.46
N LYS A 295 -15.15 15.20 -28.60
CA LYS A 295 -15.86 14.21 -29.42
C LYS A 295 -14.90 13.13 -29.89
N LYS A 296 -13.71 13.52 -30.33
CA LYS A 296 -12.71 12.53 -30.74
C LYS A 296 -12.32 11.64 -29.55
N PHE A 297 -12.22 12.24 -28.37
CA PHE A 297 -11.84 11.49 -27.15
C PHE A 297 -12.91 10.49 -26.76
N ASN A 298 -14.16 10.96 -26.63
CA ASN A 298 -15.28 10.07 -26.35
C ASN A 298 -15.34 8.93 -27.35
N ALA A 299 -15.09 9.24 -28.63
CA ALA A 299 -15.07 8.18 -29.64
C ALA A 299 -13.93 7.20 -29.36
N ARG A 300 -12.76 7.71 -28.97
CA ARG A 300 -11.60 6.85 -28.83
C ARG A 300 -11.72 5.89 -27.65
N ARG A 301 -12.25 6.33 -26.51
CA ARG A 301 -12.24 5.46 -25.34
C ARG A 301 -13.20 4.28 -25.51
N LYS A 302 -14.34 4.48 -26.18
CA LYS A 302 -15.27 3.37 -26.35
C LYS A 302 -14.68 2.31 -27.27
N LEU A 303 -13.94 2.73 -28.28
CA LEU A 303 -13.35 1.82 -29.25
C LEU A 303 -12.00 1.29 -28.81
N MET B 4 -5.81 -10.62 19.96
CA MET B 4 -6.14 -11.86 19.23
C MET B 4 -7.64 -12.12 19.24
N GLU B 5 -8.18 -12.50 18.08
CA GLU B 5 -9.61 -12.73 17.90
C GLU B 5 -9.90 -14.23 17.89
N THR B 6 -10.89 -14.65 18.67
CA THR B 6 -11.26 -16.06 18.76
C THR B 6 -12.74 -16.32 18.54
N GLU B 7 -13.55 -15.29 18.29
CA GLU B 7 -14.94 -15.46 17.92
C GLU B 7 -15.15 -15.21 16.43
N THR B 8 -14.64 -14.10 15.92
CA THR B 8 -14.67 -13.82 14.50
C THR B 8 -13.54 -14.57 13.81
N SER B 9 -13.88 -15.28 12.74
CA SER B 9 -12.89 -16.00 11.97
C SER B 9 -12.04 -15.04 11.15
N PHE B 10 -10.78 -15.45 10.93
CA PHE B 10 -9.94 -14.74 9.97
C PHE B 10 -10.65 -14.65 8.62
N PHE B 11 -11.30 -15.75 8.21
CA PHE B 11 -12.04 -15.78 6.96
C PHE B 11 -13.29 -14.93 6.99
N ASP B 12 -13.74 -14.49 8.17
CA ASP B 12 -14.88 -13.57 8.22
C ASP B 12 -14.47 -12.15 7.94
N LEU B 13 -13.20 -11.81 8.20
CA LEU B 13 -12.71 -10.45 8.01
C LEU B 13 -11.79 -10.30 6.81
N TYR B 14 -11.14 -11.38 6.38
CA TYR B 14 -10.19 -11.34 5.29
C TYR B 14 -10.53 -12.41 4.27
N ASP B 15 -10.11 -12.18 3.03
CA ASP B 15 -10.40 -13.06 1.92
C ASP B 15 -9.08 -13.47 1.27
N VAL B 16 -8.92 -14.78 1.05
CA VAL B 16 -7.71 -15.31 0.42
C VAL B 16 -8.02 -16.72 -0.05
N ASP B 17 -7.43 -17.08 -1.19
CA ASP B 17 -7.50 -18.44 -1.70
C ASP B 17 -6.24 -19.15 -1.21
N LEU B 18 -6.37 -19.82 -0.06
CA LEU B 18 -5.21 -20.48 0.55
C LEU B 18 -4.67 -21.60 -0.32
N LYS B 19 -5.53 -22.20 -1.15
CA LYS B 19 -5.11 -23.29 -2.01
C LYS B 19 -4.35 -22.80 -3.25
N ASP B 20 -4.56 -21.56 -3.65
CA ASP B 20 -3.86 -21.02 -4.80
C ASP B 20 -2.37 -20.90 -4.52
N LYS B 21 -1.57 -21.11 -5.57
CA LYS B 21 -0.12 -21.08 -5.45
C LYS B 21 0.48 -19.71 -5.77
N ARG B 22 -0.14 -18.92 -6.64
CA ARG B 22 0.36 -17.58 -6.89
C ARG B 22 0.08 -16.64 -5.72
N SER B 23 -0.83 -17.02 -4.83
CA SER B 23 -1.20 -16.20 -3.67
C SER B 23 -0.37 -16.51 -2.43
N VAL B 24 0.91 -16.86 -2.59
CA VAL B 24 1.79 -17.06 -1.46
C VAL B 24 2.93 -16.05 -1.57
N ILE B 25 3.43 -15.62 -0.41
CA ILE B 25 4.50 -14.64 -0.33
C ILE B 25 5.79 -15.26 0.17
N GLY B 26 5.69 -16.20 1.11
CA GLY B 26 6.88 -16.84 1.65
C GLY B 26 6.55 -18.15 2.33
N LYS B 27 7.58 -18.99 2.44
CA LYS B 27 7.48 -20.29 3.11
C LYS B 27 8.36 -20.24 4.35
N GLY B 28 7.73 -20.22 5.52
CA GLY B 28 8.46 -20.26 6.77
C GLY B 28 8.87 -21.67 7.15
N ALA B 29 9.58 -21.77 8.27
CA ALA B 29 9.96 -23.07 8.79
C ALA B 29 8.73 -23.94 9.07
N PHE B 30 7.63 -23.30 9.51
CA PHE B 30 6.37 -24.00 9.69
C PHE B 30 5.18 -23.05 9.51
N SER B 31 5.35 -21.95 8.79
CA SER B 31 4.28 -21.02 8.48
C SER B 31 4.29 -20.74 6.99
N THR B 32 3.10 -20.47 6.45
CA THR B 32 2.93 -20.11 5.05
C THR B 32 2.31 -18.72 4.99
N VAL B 33 3.04 -17.77 4.41
CA VAL B 33 2.53 -16.41 4.25
C VAL B 33 1.80 -16.32 2.92
N HIS B 34 0.62 -15.71 2.94
CA HIS B 34 -0.22 -15.55 1.77
C HIS B 34 -0.59 -14.08 1.60
N ARG B 35 -0.97 -13.71 0.39
CA ARG B 35 -1.57 -12.42 0.13
C ARG B 35 -3.08 -12.55 0.34
N CYS B 36 -3.60 -11.83 1.33
CA CYS B 36 -5.03 -11.75 1.58
C CYS B 36 -5.51 -10.32 1.42
N VAL B 37 -6.82 -10.15 1.36
CA VAL B 37 -7.45 -8.84 1.24
C VAL B 37 -8.44 -8.67 2.38
N ASN B 38 -8.41 -7.52 3.02
CA ASN B 38 -9.42 -7.19 4.02
C ASN B 38 -10.78 -7.09 3.35
N LYS B 39 -11.72 -7.92 3.78
CA LYS B 39 -13.06 -7.93 3.19
C LYS B 39 -13.68 -6.54 3.21
N ARG B 40 -13.50 -5.81 4.30
CA ARG B 40 -14.24 -4.58 4.53
C ARG B 40 -13.52 -3.36 3.96
N THR B 41 -12.20 -3.27 4.14
CA THR B 41 -11.45 -2.10 3.72
C THR B 41 -10.84 -2.22 2.33
N GLY B 42 -10.67 -3.44 1.82
CA GLY B 42 -9.95 -3.65 0.59
C GLY B 42 -8.44 -3.61 0.72
N GLU B 43 -7.92 -3.53 1.94
CA GLU B 43 -6.48 -3.47 2.15
C GLU B 43 -5.83 -4.80 1.84
N VAL B 44 -4.73 -4.76 1.09
CA VAL B 44 -3.93 -5.95 0.83
C VAL B 44 -2.99 -6.20 2.01
N CYS B 45 -3.07 -7.41 2.58
CA CYS B 45 -2.29 -7.79 3.75
C CYS B 45 -1.56 -9.10 3.49
N ALA B 46 -0.56 -9.36 4.32
CA ALA B 46 0.12 -10.65 4.32
C ALA B 46 -0.37 -11.42 5.54
N VAL B 47 -0.92 -12.61 5.33
CA VAL B 47 -1.41 -13.44 6.41
C VAL B 47 -0.41 -14.58 6.63
N LYS B 48 0.04 -14.72 7.85
CA LYS B 48 0.97 -15.78 8.24
C LYS B 48 0.13 -16.91 8.82
N VAL B 49 0.02 -18.00 8.08
CA VAL B 49 -0.81 -19.14 8.45
C VAL B 49 0.09 -20.20 9.10
N ILE B 50 -0.24 -20.58 10.34
CA ILE B 50 0.56 -21.51 11.12
C ILE B 50 -0.33 -22.65 11.57
N ALA B 51 -0.01 -23.87 11.15
CA ALA B 51 -0.83 -25.03 11.52
C ALA B 51 -0.65 -25.34 13.01
N LEU B 52 -1.75 -25.27 13.77
CA LEU B 52 -1.71 -25.55 15.20
C LEU B 52 -1.56 -27.03 15.52
N LYS B 53 -1.73 -27.91 14.54
CA LYS B 53 -1.72 -29.34 14.82
C LYS B 53 -0.34 -29.84 15.24
N SER B 54 0.72 -29.30 14.61
CA SER B 54 2.07 -29.81 14.77
C SER B 54 2.82 -29.16 15.93
N LEU B 55 2.22 -28.20 16.63
CA LEU B 55 2.94 -27.40 17.61
C LEU B 55 2.56 -27.80 19.03
N ARG B 56 3.56 -27.90 19.90
CA ARG B 56 3.32 -28.04 21.32
C ARG B 56 3.20 -26.65 21.96
N SER B 57 2.78 -26.63 23.22
CA SER B 57 2.44 -25.37 23.88
C SER B 57 3.57 -24.36 23.85
N SER B 58 4.82 -24.80 23.71
CA SER B 58 5.93 -23.86 23.60
C SER B 58 5.79 -22.98 22.38
N GLU B 59 5.58 -23.59 21.20
CA GLU B 59 5.40 -22.80 19.99
C GLU B 59 4.11 -22.00 20.02
N ILE B 60 3.05 -22.55 20.61
CA ILE B 60 1.79 -21.84 20.71
C ILE B 60 1.96 -20.55 21.52
N ASN B 61 2.64 -20.65 22.65
CA ASN B 61 2.85 -19.48 23.48
C ASN B 61 3.88 -18.53 22.86
N LYS B 62 4.79 -19.05 22.05
CA LYS B 62 5.66 -18.17 21.27
C LYS B 62 4.85 -17.37 20.27
N ILE B 63 3.83 -17.98 19.68
CA ILE B 63 2.98 -17.27 18.73
C ILE B 63 2.14 -16.22 19.46
N LYS B 64 1.52 -16.60 20.57
CA LYS B 64 0.72 -15.64 21.34
C LYS B 64 1.57 -14.47 21.81
N ARG B 65 2.79 -14.77 22.28
CA ARG B 65 3.74 -13.72 22.65
C ARG B 65 4.06 -12.82 21.47
N GLU B 66 4.27 -13.41 20.30
CA GLU B 66 4.48 -12.62 19.09
C GLU B 66 3.29 -11.72 18.80
N ILE B 67 2.09 -12.18 19.14
CA ILE B 67 0.88 -11.39 18.88
C ILE B 67 0.80 -10.20 19.81
N GLY B 68 1.05 -10.40 21.10
CA GLY B 68 1.07 -9.28 22.03
C GLY B 68 2.14 -8.26 21.67
N ILE B 69 3.36 -8.76 21.38
CA ILE B 69 4.47 -7.86 21.10
C ILE B 69 4.23 -7.07 19.81
N CYS B 70 3.81 -7.78 18.75
CA CYS B 70 3.55 -7.10 17.48
C CYS B 70 2.35 -6.17 17.58
N SER B 71 1.38 -6.48 18.43
CA SER B 71 0.25 -5.59 18.61
C SER B 71 0.65 -4.32 19.34
N SER B 72 1.62 -4.42 20.25
CA SER B 72 2.11 -3.22 20.94
C SER B 72 3.18 -2.48 20.14
N LEU B 73 3.47 -2.88 18.90
CA LEU B 73 4.51 -2.27 18.09
C LEU B 73 3.86 -1.52 16.92
N GLN B 74 3.94 -0.19 16.96
CA GLN B 74 3.48 0.67 15.86
C GLN B 74 4.65 1.59 15.52
N HIS B 75 5.43 1.20 14.52
CA HIS B 75 6.56 2.01 14.07
C HIS B 75 6.67 1.91 12.55
N GLU B 76 7.16 2.99 11.94
CA GLU B 76 7.21 3.07 10.48
C GLU B 76 8.16 2.04 9.88
N HIS B 77 9.19 1.62 10.62
CA HIS B 77 10.15 0.64 10.14
C HIS B 77 10.00 -0.72 10.81
N ILE B 78 8.83 -0.99 11.37
CA ILE B 78 8.48 -2.30 11.90
C ILE B 78 7.21 -2.71 11.18
N VAL B 79 7.21 -3.90 10.59
CA VAL B 79 6.03 -4.43 9.90
C VAL B 79 4.91 -4.52 10.91
N SER B 80 3.85 -3.73 10.71
CA SER B 80 2.69 -3.74 11.60
C SER B 80 1.95 -5.05 11.46
N MET B 81 1.44 -5.55 12.56
CA MET B 81 0.55 -6.69 12.56
C MET B 81 -0.84 -6.11 12.63
N ARG B 82 -1.63 -6.32 11.59
CA ARG B 82 -2.96 -5.74 11.54
C ARG B 82 -3.89 -6.41 12.55
N ARG B 83 -3.94 -7.75 12.54
CA ARG B 83 -4.84 -8.45 13.46
C ARG B 83 -4.47 -9.92 13.44
N ALA B 84 -4.69 -10.60 14.57
CA ALA B 84 -4.37 -12.01 14.72
C ALA B 84 -5.62 -12.82 15.07
N PHE B 85 -5.65 -14.05 14.57
CA PHE B 85 -6.79 -14.94 14.68
C PHE B 85 -6.31 -16.33 15.08
N ARG B 86 -7.14 -17.04 15.83
CA ARG B 86 -6.85 -18.42 16.22
C ARG B 86 -8.15 -19.22 16.15
N ASP B 87 -8.18 -20.24 15.29
CA ASP B 87 -9.29 -21.19 15.27
C ASP B 87 -8.81 -22.55 15.77
N GLU B 88 -9.65 -23.57 15.57
CA GLU B 88 -9.35 -24.90 16.11
C GLU B 88 -8.10 -25.51 15.49
N SER B 89 -7.64 -25.03 14.35
CA SER B 89 -6.55 -25.68 13.62
C SER B 89 -5.40 -24.76 13.23
N HIS B 90 -5.60 -23.44 13.19
CA HIS B 90 -4.60 -22.57 12.60
C HIS B 90 -4.44 -21.29 13.40
N PHE B 91 -3.33 -20.62 13.13
CA PHE B 91 -3.07 -19.26 13.55
C PHE B 91 -2.99 -18.41 12.28
N TYR B 92 -3.64 -17.25 12.31
CA TYR B 92 -3.64 -16.32 11.19
C TYR B 92 -3.10 -14.99 11.70
N LEU B 93 -1.84 -14.69 11.37
CA LEU B 93 -1.19 -13.46 11.80
C LEU B 93 -1.18 -12.50 10.62
N VAL B 94 -2.13 -11.57 10.60
CA VAL B 94 -2.32 -10.65 9.49
C VAL B 94 -1.47 -9.40 9.74
N PHE B 95 -0.40 -9.27 8.96
CA PHE B 95 0.50 -8.12 8.91
C PHE B 95 0.20 -7.27 7.69
N GLU B 96 0.75 -6.05 7.70
CA GLU B 96 0.71 -5.21 6.52
C GLU B 96 1.45 -5.87 5.36
N TYR B 97 1.08 -5.49 4.15
CA TYR B 97 1.71 -6.05 2.96
C TYR B 97 3.14 -5.53 2.84
N VAL B 98 4.07 -6.44 2.54
CA VAL B 98 5.47 -6.11 2.29
C VAL B 98 5.87 -6.83 1.01
N SER B 99 6.21 -6.06 -0.02
CA SER B 99 6.48 -6.64 -1.34
C SER B 99 7.90 -6.42 -1.84
N GLY B 100 8.71 -5.62 -1.17
CA GLY B 100 10.08 -5.43 -1.57
C GLY B 100 11.02 -6.57 -1.28
N GLY B 101 10.52 -7.65 -0.68
CA GLY B 101 11.36 -8.79 -0.37
C GLY B 101 12.45 -8.44 0.64
N GLU B 102 13.42 -9.35 0.72
CA GLU B 102 14.56 -9.14 1.60
C GLU B 102 15.44 -8.01 1.09
N LEU B 103 15.97 -7.22 2.02
CA LEU B 103 16.81 -6.08 1.65
C LEU B 103 18.10 -6.54 0.97
N PHE B 104 18.69 -7.64 1.45
CA PHE B 104 19.92 -8.13 0.85
C PHE B 104 19.70 -8.63 -0.57
N ASP B 105 18.47 -9.01 -0.92
CA ASP B 105 18.18 -9.32 -2.30
C ASP B 105 18.08 -8.07 -3.16
N GLU B 106 17.95 -6.89 -2.55
CA GLU B 106 17.89 -5.63 -3.28
C GLU B 106 19.22 -4.91 -3.35
N ILE B 107 20.10 -5.10 -2.35
CA ILE B 107 21.41 -4.48 -2.40
C ILE B 107 22.22 -5.01 -3.57
N VAL B 108 22.05 -6.31 -3.89
CA VAL B 108 22.78 -6.92 -4.99
C VAL B 108 22.38 -6.34 -6.34
N THR B 109 21.22 -5.71 -6.42
CA THR B 109 20.71 -5.13 -7.66
C THR B 109 20.91 -3.61 -7.69
N ARG B 110 22.11 -3.16 -7.34
CA ARG B 110 22.44 -1.74 -7.31
C ARG B 110 23.72 -1.51 -8.10
N LYS B 111 23.62 -0.71 -9.18
CA LYS B 111 24.83 -0.30 -9.87
C LYS B 111 25.70 0.57 -8.98
N PHE B 112 25.10 1.28 -8.03
CA PHE B 112 25.80 2.18 -7.13
C PHE B 112 25.44 1.80 -5.69
N TYR B 113 26.45 1.54 -4.87
CA TYR B 113 26.24 1.23 -3.47
C TYR B 113 27.46 1.65 -2.67
N ASN B 114 27.25 2.55 -1.70
CA ASN B 114 28.34 3.04 -0.87
C ASN B 114 28.01 2.90 0.61
N GLU B 115 28.87 3.46 1.47
CA GLU B 115 28.64 3.39 2.92
C GLU B 115 27.50 4.28 3.37
N LYS B 116 27.19 5.35 2.62
CA LYS B 116 26.09 6.22 3.01
C LYS B 116 24.76 5.51 2.89
N ASP B 117 24.58 4.69 1.85
CA ASP B 117 23.35 3.91 1.71
C ASP B 117 23.25 2.84 2.78
N ALA B 118 24.36 2.15 3.05
CA ALA B 118 24.40 1.19 4.15
C ALA B 118 24.06 1.86 5.47
N SER B 119 24.47 3.12 5.65
CA SER B 119 24.10 3.86 6.85
C SER B 119 22.64 4.30 6.81
N ALA B 120 22.03 4.40 5.63
CA ALA B 120 20.60 4.64 5.57
C ALA B 120 19.84 3.41 6.06
N CYS B 121 20.13 2.24 5.47
CA CYS B 121 19.51 1.00 5.93
C CYS B 121 19.74 0.80 7.42
N MET B 122 21.00 0.91 7.85
CA MET B 122 21.35 0.69 9.24
C MET B 122 20.68 1.71 10.14
N HIS B 123 20.50 2.95 9.66
CA HIS B 123 19.85 3.96 10.48
C HIS B 123 18.38 3.62 10.71
N GLN B 124 17.66 3.24 9.65
CA GLN B 124 16.26 2.90 9.82
C GLN B 124 16.10 1.67 10.71
N ILE B 125 16.95 0.66 10.50
CA ILE B 125 16.93 -0.52 11.38
C ILE B 125 17.14 -0.11 12.83
N LEU B 126 18.11 0.77 13.06
CA LEU B 126 18.41 1.24 14.42
C LEU B 126 17.21 1.95 15.03
N SER B 127 16.52 2.78 14.25
CA SER B 127 15.36 3.50 14.79
C SER B 127 14.24 2.54 15.16
N ALA B 128 13.98 1.54 14.32
CA ALA B 128 12.99 0.52 14.66
C ALA B 128 13.38 -0.21 15.94
N LEU B 129 14.64 -0.63 16.03
CA LEU B 129 15.12 -1.32 17.23
C LEU B 129 15.01 -0.44 18.46
N GLN B 130 15.20 0.86 18.30
CA GLN B 130 15.03 1.78 19.43
C GLN B 130 13.57 1.83 19.86
N HIS B 131 12.64 1.82 18.90
CA HIS B 131 11.23 1.72 19.27
C HIS B 131 10.94 0.42 19.99
N CYS B 132 11.65 -0.65 19.64
CA CYS B 132 11.45 -1.91 20.34
C CYS B 132 11.99 -1.85 21.77
N HIS B 133 13.24 -1.43 21.93
CA HIS B 133 13.86 -1.43 23.24
C HIS B 133 13.20 -0.42 24.18
N SER B 134 12.65 0.67 23.64
CA SER B 134 11.88 1.58 24.48
C SER B 134 10.74 0.85 25.16
N LYS B 135 10.07 -0.04 24.43
CA LYS B 135 9.00 -0.86 24.99
C LYS B 135 9.53 -2.14 25.61
N ASN B 136 10.84 -2.22 25.86
CA ASN B 136 11.47 -3.34 26.56
C ASN B 136 11.30 -4.65 25.80
N ILE B 137 11.44 -4.59 24.47
CA ILE B 137 11.25 -5.75 23.61
C ILE B 137 12.59 -6.09 22.96
N ILE B 138 13.00 -7.35 23.08
CA ILE B 138 14.22 -7.85 22.47
C ILE B 138 13.83 -8.73 21.29
N HIS B 139 14.30 -8.37 20.10
CA HIS B 139 13.93 -9.14 18.92
C HIS B 139 14.59 -10.52 18.91
N ARG B 140 15.84 -10.60 19.39
CA ARG B 140 16.58 -11.84 19.59
C ARG B 140 16.97 -12.58 18.31
N ASP B 141 16.32 -12.27 17.18
CA ASP B 141 16.56 -13.03 15.96
C ASP B 141 16.64 -12.11 14.75
N LEU B 142 17.46 -11.07 14.85
CA LEU B 142 17.73 -10.22 13.70
C LEU B 142 18.62 -10.95 12.71
N LYS B 143 18.26 -10.87 11.44
CA LYS B 143 18.98 -11.50 10.34
C LYS B 143 18.42 -10.96 9.03
N PRO B 144 19.17 -11.08 7.94
CA PRO B 144 18.68 -10.50 6.67
C PRO B 144 17.34 -11.03 6.22
N GLU B 145 16.97 -12.24 6.64
CA GLU B 145 15.64 -12.75 6.32
C GLU B 145 14.54 -11.98 7.03
N ASN B 146 14.89 -11.20 8.05
CA ASN B 146 13.93 -10.39 8.79
C ASN B 146 14.04 -8.90 8.45
N LEU B 147 14.89 -8.54 7.50
CA LEU B 147 15.07 -7.16 7.06
C LEU B 147 14.46 -7.04 5.66
N LEU B 148 13.21 -6.60 5.61
CA LEU B 148 12.46 -6.51 4.37
C LEU B 148 12.38 -5.05 3.90
N LEU B 149 11.86 -4.88 2.69
CA LEU B 149 11.56 -3.57 2.14
C LEU B 149 10.07 -3.50 1.83
N ALA B 150 9.46 -2.34 2.11
CA ALA B 150 8.00 -2.21 2.01
C ALA B 150 7.51 -2.50 0.59
N SER B 151 8.26 -2.06 -0.42
CA SER B 151 7.83 -2.24 -1.80
C SER B 151 9.05 -2.45 -2.69
N LYS B 152 8.78 -2.90 -3.92
CA LYS B 152 9.81 -3.10 -4.95
C LYS B 152 10.33 -1.79 -5.52
N ASP B 153 9.87 -0.70 -4.92
CA ASP B 153 10.23 0.67 -5.25
C ASP B 153 11.58 1.02 -4.63
N PRO B 154 12.41 1.78 -5.33
CA PRO B 154 13.59 2.36 -4.67
C PRO B 154 13.16 3.27 -3.54
N ASN B 155 14.15 3.69 -2.74
CA ASN B 155 13.97 4.50 -1.53
C ASN B 155 12.76 4.04 -0.71
N ALA B 156 12.45 2.74 -0.74
CA ALA B 156 11.39 2.18 0.09
C ALA B 156 11.92 1.93 1.50
N PRO B 157 11.07 2.08 2.51
CA PRO B 157 11.55 1.96 3.89
C PRO B 157 11.95 0.53 4.23
N VAL B 158 12.98 0.41 5.05
CA VAL B 158 13.41 -0.89 5.58
C VAL B 158 12.52 -1.22 6.78
N LYS B 159 12.03 -2.46 6.81
CA LYS B 159 11.11 -2.88 7.87
C LYS B 159 11.57 -4.22 8.45
N ILE B 160 11.58 -4.31 9.77
CA ILE B 160 11.89 -5.56 10.46
C ILE B 160 10.59 -6.29 10.74
N THR B 161 10.68 -7.62 10.82
CA THR B 161 9.48 -8.43 11.03
C THR B 161 9.90 -9.70 11.77
N ASP B 162 8.99 -10.68 11.82
CA ASP B 162 9.20 -11.99 12.43
C ASP B 162 9.71 -11.85 13.87
N PHE B 163 8.79 -11.41 14.73
CA PHE B 163 9.02 -11.35 16.18
C PHE B 163 8.64 -12.66 16.87
N GLY B 164 8.68 -13.78 16.16
CA GLY B 164 8.37 -15.09 16.73
C GLY B 164 9.26 -15.52 17.87
N LEU B 165 10.41 -14.86 18.06
CA LEU B 165 11.27 -15.13 19.21
C LEU B 165 11.45 -13.90 20.09
N ALA B 166 10.66 -12.85 19.86
CA ALA B 166 10.77 -11.64 20.66
C ALA B 166 10.38 -11.92 22.11
N VAL B 167 11.01 -11.18 23.03
CA VAL B 167 10.71 -11.28 24.45
C VAL B 167 10.60 -9.88 25.04
N ILE B 168 10.01 -9.81 26.23
CA ILE B 168 9.84 -8.55 26.95
C ILE B 168 10.72 -8.60 28.20
N MET B 169 11.46 -7.51 28.42
CA MET B 169 12.28 -7.36 29.63
C MET B 169 11.49 -6.59 30.68
N GLU B 170 11.09 -7.28 31.75
CA GLU B 170 10.43 -6.60 32.86
C GLU B 170 11.40 -6.13 33.93
N GLN B 171 12.55 -6.77 34.07
CA GLN B 171 13.41 -6.56 35.23
C GLN B 171 14.88 -6.65 34.84
N GLY B 172 15.27 -5.96 33.77
CA GLY B 172 16.65 -5.96 33.36
C GLY B 172 17.10 -7.29 32.80
N PRO B 173 18.39 -7.60 32.94
CA PRO B 173 18.94 -8.79 32.30
C PRO B 173 18.32 -10.07 32.85
N THR B 174 17.87 -10.92 31.94
CA THR B 174 17.06 -12.07 32.30
C THR B 174 17.30 -13.17 31.26
N TYR B 175 17.21 -14.41 31.69
CA TYR B 175 17.39 -15.54 30.79
C TYR B 175 16.09 -15.83 30.06
N PHE B 176 16.13 -15.81 28.74
CA PHE B 176 14.96 -16.07 27.90
C PHE B 176 15.13 -17.33 27.05
N GLY B 177 16.15 -18.14 27.34
CA GLY B 177 16.43 -19.33 26.55
C GLY B 177 17.52 -19.10 25.54
N PHE B 178 17.85 -20.19 24.84
CA PHE B 178 18.83 -20.20 23.75
C PHE B 178 18.06 -20.33 22.45
N ALA B 179 17.85 -19.19 21.77
CA ALA B 179 17.15 -19.15 20.50
C ALA B 179 17.80 -18.14 19.58
N GLY B 180 17.49 -18.24 18.30
CA GLY B 180 18.00 -17.35 17.29
C GLY B 180 18.66 -18.12 16.16
N THR B 181 19.13 -17.39 15.22
CA THR B 181 19.94 -18.07 14.21
C THR B 181 21.42 -17.95 14.54
N PRO B 182 22.13 -19.05 14.39
CA PRO B 182 23.48 -19.14 15.00
C PRO B 182 24.48 -18.10 14.51
N GLY B 183 24.53 -17.82 13.21
CA GLY B 183 25.47 -16.85 12.72
C GLY B 183 25.35 -15.48 13.37
N TYR B 184 24.16 -15.15 13.89
CA TYR B 184 23.89 -13.84 14.43
C TYR B 184 23.64 -13.86 15.93
N LEU B 185 23.83 -15.01 16.59
CA LEU B 185 23.65 -15.09 18.04
C LEU B 185 24.67 -14.23 18.76
N SER B 186 24.23 -13.56 19.80
CA SER B 186 25.15 -12.85 20.67
C SER B 186 25.90 -13.84 21.54
N PRO B 187 27.10 -13.49 22.00
CA PRO B 187 27.86 -14.43 22.85
C PRO B 187 27.13 -14.82 24.12
N GLU B 188 26.40 -13.88 24.74
CA GLU B 188 25.69 -14.19 25.98
C GLU B 188 24.69 -15.32 25.77
N VAL B 189 23.91 -15.26 24.69
CA VAL B 189 22.93 -16.31 24.41
C VAL B 189 23.62 -17.66 24.33
N ILE B 190 24.79 -17.70 23.68
CA ILE B 190 25.53 -18.96 23.58
C ILE B 190 26.01 -19.40 24.97
N ARG B 191 26.47 -18.45 25.78
CA ARG B 191 26.88 -18.76 27.15
C ARG B 191 25.69 -19.04 28.06
N ARG B 192 24.47 -18.76 27.61
CA ARG B 192 23.26 -18.94 28.42
C ARG B 192 23.36 -18.17 29.72
N VAL B 193 23.68 -16.88 29.60
CA VAL B 193 23.71 -15.93 30.71
C VAL B 193 22.47 -15.06 30.55
N PRO B 194 21.89 -14.53 31.64
CA PRO B 194 20.84 -13.52 31.48
C PRO B 194 21.28 -12.39 30.56
N TYR B 195 20.48 -12.14 29.52
CA TYR B 195 20.83 -11.14 28.51
C TYR B 195 19.71 -10.12 28.37
N ASP B 196 19.99 -9.09 27.58
CA ASP B 196 19.16 -7.90 27.50
C ASP B 196 19.05 -7.48 26.03
N THR B 197 18.72 -6.20 25.81
CA THR B 197 18.55 -5.69 24.45
C THR B 197 19.86 -5.69 23.67
N ALA B 198 21.00 -5.74 24.35
CA ALA B 198 22.28 -5.74 23.66
C ALA B 198 22.42 -6.90 22.67
N VAL B 199 21.66 -7.98 22.89
CA VAL B 199 21.66 -9.11 21.95
C VAL B 199 21.36 -8.62 20.55
N ASP B 200 20.39 -7.70 20.42
CA ASP B 200 20.09 -7.15 19.10
C ASP B 200 21.22 -6.29 18.58
N VAL B 201 21.85 -5.50 19.46
CA VAL B 201 22.99 -4.67 19.07
C VAL B 201 24.05 -5.54 18.39
N TRP B 202 24.45 -6.61 19.09
CA TRP B 202 25.37 -7.58 18.50
C TRP B 202 24.92 -8.00 17.11
N ALA B 203 23.64 -8.36 16.98
CA ALA B 203 23.11 -8.77 15.68
C ALA B 203 23.35 -7.68 14.64
N CYS B 204 22.99 -6.43 14.97
CA CYS B 204 23.25 -5.33 14.04
C CYS B 204 24.71 -5.31 13.62
N GLY B 205 25.61 -5.51 14.57
CA GLY B 205 27.02 -5.65 14.26
C GLY B 205 27.24 -6.69 13.19
N VAL B 206 26.89 -7.94 13.47
CA VAL B 206 27.08 -9.01 12.49
C VAL B 206 26.25 -8.76 11.25
N ILE B 207 25.27 -7.85 11.32
CA ILE B 207 24.58 -7.40 10.11
C ILE B 207 25.41 -6.35 9.39
N LEU B 208 25.78 -5.28 10.09
CA LEU B 208 26.46 -4.16 9.45
C LEU B 208 27.74 -4.60 8.76
N TYR B 209 28.53 -5.43 9.45
CA TYR B 209 29.70 -6.08 8.87
C TYR B 209 29.40 -6.58 7.46
N ILE B 210 28.39 -7.44 7.34
CA ILE B 210 28.02 -7.97 6.03
C ILE B 210 27.71 -6.84 5.06
N LEU B 211 26.88 -5.88 5.50
CA LEU B 211 26.49 -4.77 4.65
C LEU B 211 27.67 -3.95 4.14
N LEU B 212 28.89 -4.23 4.60
CA LEU B 212 30.06 -3.53 4.14
C LEU B 212 31.00 -4.37 3.30
N VAL B 213 30.90 -5.70 3.35
CA VAL B 213 31.85 -6.54 2.61
C VAL B 213 31.17 -7.73 1.97
N GLY B 214 29.92 -8.00 2.36
CA GLY B 214 29.15 -9.07 1.75
C GLY B 214 29.37 -10.44 2.32
N TYR B 215 30.32 -10.61 3.25
CA TYR B 215 30.49 -11.90 3.90
C TYR B 215 30.38 -11.75 5.41
N PRO B 216 29.85 -12.75 6.11
CA PRO B 216 29.65 -12.62 7.55
C PRO B 216 30.98 -12.72 8.29
N PRO B 217 31.07 -12.09 9.47
CA PRO B 217 32.33 -12.16 10.24
C PRO B 217 32.54 -13.52 10.89
N PHE B 218 31.54 -13.99 11.62
CA PHE B 218 31.56 -15.32 12.21
C PHE B 218 30.76 -16.24 11.30
N TRP B 219 31.46 -17.13 10.58
CA TRP B 219 30.81 -18.06 9.68
C TRP B 219 31.70 -19.30 9.56
N GLU B 220 31.34 -20.34 10.30
CA GLU B 220 31.98 -21.64 10.19
C GLU B 220 30.93 -22.68 9.83
N GLU B 221 31.40 -23.77 9.23
CA GLU B 221 30.50 -24.86 8.85
C GLU B 221 29.91 -25.54 10.08
N ASP B 222 30.70 -25.72 11.12
CA ASP B 222 30.25 -26.38 12.33
C ASP B 222 29.48 -25.40 13.22
N HIS B 223 28.50 -25.95 13.96
CA HIS B 223 27.78 -25.15 14.94
C HIS B 223 28.71 -24.74 16.08
N GLN B 224 29.50 -25.67 16.59
CA GLN B 224 30.29 -25.42 17.79
C GLN B 224 31.47 -24.49 17.52
N LYS B 225 32.07 -24.57 16.34
CA LYS B 225 33.18 -23.67 16.01
C LYS B 225 32.67 -22.25 15.79
N LEU B 226 31.51 -22.11 15.15
CA LEU B 226 30.87 -20.81 15.02
C LEU B 226 30.55 -20.23 16.39
N TYR B 227 29.91 -21.04 17.25
CA TYR B 227 29.63 -20.61 18.61
C TYR B 227 30.90 -20.20 19.33
N ALA B 228 32.02 -20.87 19.04
CA ALA B 228 33.28 -20.54 19.71
C ALA B 228 33.84 -19.20 19.22
N GLN B 229 33.81 -18.96 17.91
CA GLN B 229 34.28 -17.67 17.40
C GLN B 229 33.42 -16.53 17.93
N ILE B 230 32.12 -16.77 18.09
CA ILE B 230 31.25 -15.73 18.63
C ILE B 230 31.53 -15.54 20.12
N LYS B 231 31.76 -16.63 20.85
CA LYS B 231 32.03 -16.53 22.28
C LYS B 231 33.31 -15.75 22.54
N ASN B 232 34.38 -16.09 21.85
CA ASN B 232 35.66 -15.42 22.04
C ASN B 232 35.79 -14.15 21.21
N CYS B 233 34.81 -13.84 20.37
CA CYS B 233 34.79 -12.63 19.54
C CYS B 233 36.08 -12.55 18.71
N GLN B 234 36.12 -13.37 17.67
CA GLN B 234 37.30 -13.52 16.82
C GLN B 234 36.92 -13.14 15.39
N TYR B 235 36.74 -11.84 15.14
CA TYR B 235 36.49 -11.34 13.80
C TYR B 235 37.64 -10.41 13.39
N ASP B 236 37.80 -10.25 12.09
CA ASP B 236 38.90 -9.47 11.53
C ASP B 236 38.38 -8.60 10.40
N PHE B 237 39.20 -7.64 9.99
CA PHE B 237 38.94 -6.77 8.85
C PHE B 237 40.01 -7.03 7.81
N PRO B 238 39.97 -8.18 7.13
CA PRO B 238 41.09 -8.57 6.27
C PRO B 238 41.13 -7.77 4.96
N SER B 239 42.33 -7.49 4.50
CA SER B 239 42.56 -6.88 3.20
C SER B 239 42.21 -7.88 2.11
N PRO B 240 41.87 -7.40 0.90
CA PRO B 240 41.77 -6.01 0.47
C PRO B 240 40.38 -5.39 0.63
N GLU B 241 39.42 -6.19 1.10
CA GLU B 241 38.03 -5.74 1.14
C GLU B 241 37.83 -4.62 2.16
N TRP B 242 38.64 -4.57 3.21
CA TRP B 242 38.38 -3.67 4.33
C TRP B 242 39.22 -2.41 4.32
N ASP B 243 40.26 -2.32 3.50
CA ASP B 243 41.06 -1.11 3.46
C ASP B 243 40.28 0.05 2.84
N SER B 244 39.34 -0.25 1.95
CA SER B 244 38.46 0.76 1.37
C SER B 244 37.36 1.22 2.30
N VAL B 245 37.29 0.67 3.52
CA VAL B 245 36.22 0.96 4.46
C VAL B 245 36.68 2.06 5.42
N THR B 246 35.76 2.97 5.75
CA THR B 246 36.07 4.04 6.67
C THR B 246 36.48 3.48 8.03
N THR B 247 37.44 4.17 8.68
CA THR B 247 37.83 3.78 10.02
C THR B 247 36.70 4.02 11.02
N ALA B 248 35.83 5.00 10.75
CA ALA B 248 34.70 5.26 11.63
C ALA B 248 33.71 4.10 11.62
N ALA B 249 33.46 3.52 10.43
CA ALA B 249 32.58 2.36 10.37
C ALA B 249 33.17 1.17 11.10
N LYS B 250 34.49 0.99 10.99
CA LYS B 250 35.16 -0.05 11.78
C LYS B 250 35.02 0.20 13.27
N GLU B 251 35.06 1.47 13.69
CA GLU B 251 34.79 1.79 15.08
C GLU B 251 33.36 1.43 15.46
N LEU B 252 32.42 1.60 14.52
CA LEU B 252 31.04 1.23 14.78
C LEU B 252 30.92 -0.28 14.98
N ILE B 253 31.47 -1.07 14.05
CA ILE B 253 31.41 -2.52 14.18
C ILE B 253 32.11 -2.99 15.44
N LYS B 254 33.20 -2.33 15.82
CA LYS B 254 33.89 -2.70 17.06
C LYS B 254 33.03 -2.41 18.28
N ALA B 255 32.39 -1.24 18.31
CA ALA B 255 31.58 -0.86 19.47
C ALA B 255 30.31 -1.69 19.57
N MET B 256 29.77 -2.15 18.44
CA MET B 256 28.57 -2.97 18.47
C MET B 256 28.87 -4.44 18.71
N LEU B 257 29.97 -4.96 18.17
CA LEU B 257 30.31 -6.36 18.38
C LEU B 257 31.18 -6.53 19.62
N GLU B 258 30.95 -5.70 20.63
CA GLU B 258 31.62 -5.88 21.89
C GLU B 258 31.21 -7.22 22.50
N PRO B 259 32.16 -8.01 23.02
CA PRO B 259 31.78 -9.30 23.62
C PRO B 259 31.07 -9.18 24.95
N ASN B 260 31.11 -8.01 25.59
CA ASN B 260 30.45 -7.75 26.85
C ASN B 260 29.22 -6.89 26.62
N PRO B 261 28.06 -7.26 27.18
CA PRO B 261 26.85 -6.46 26.93
C PRO B 261 26.93 -5.05 27.49
N LYS B 262 27.55 -4.89 28.66
CA LYS B 262 27.66 -3.56 29.25
C LYS B 262 28.56 -2.65 28.42
N ARG B 263 29.57 -3.22 27.76
CA ARG B 263 30.45 -2.45 26.89
C ARG B 263 29.79 -2.12 25.55
N ARG B 264 28.60 -2.66 25.28
CA ARG B 264 27.85 -2.31 24.08
C ARG B 264 27.01 -1.05 24.33
N PRO B 265 26.83 -0.23 23.31
CA PRO B 265 25.99 0.96 23.46
C PRO B 265 24.52 0.67 23.19
N THR B 266 23.69 1.57 23.71
CA THR B 266 22.27 1.54 23.39
C THR B 266 22.07 1.93 21.92
N VAL B 267 21.01 1.39 21.33
CA VAL B 267 20.58 1.89 20.01
C VAL B 267 20.25 3.37 20.09
N GLN B 268 19.75 3.82 21.25
CA GLN B 268 19.51 5.25 21.45
C GLN B 268 20.81 6.04 21.36
N GLU B 269 21.91 5.46 21.86
CA GLU B 269 23.22 6.08 21.66
C GLU B 269 23.74 5.83 20.26
N LEU B 270 23.34 4.72 19.64
CA LEU B 270 23.80 4.42 18.28
C LEU B 270 23.19 5.37 17.26
N LEU B 271 22.03 5.96 17.56
CA LEU B 271 21.48 6.99 16.68
C LEU B 271 22.38 8.22 16.62
N GLN B 272 23.26 8.41 17.60
CA GLN B 272 24.12 9.57 17.67
C GLN B 272 25.50 9.32 17.07
N HIS B 273 25.76 8.12 16.55
CA HIS B 273 27.07 7.81 16.02
C HIS B 273 27.31 8.57 14.72
N PRO B 274 28.54 9.04 14.47
CA PRO B 274 28.80 9.82 13.25
C PRO B 274 28.51 9.05 11.97
N TRP B 275 28.83 7.75 11.93
CA TRP B 275 28.54 6.96 10.74
C TRP B 275 27.04 6.79 10.52
N ILE B 276 26.23 7.01 11.55
CA ILE B 276 24.78 6.85 11.48
C ILE B 276 24.11 8.21 11.36
N ALA B 277 24.41 9.11 12.31
CA ALA B 277 23.73 10.39 12.38
C ALA B 277 24.25 11.36 11.32
N ARG B 278 25.55 11.66 11.36
CA ARG B 278 26.13 12.62 10.42
C ARG B 278 26.07 12.09 9.00
N ARG B 279 25.63 12.94 8.08
CA ARG B 279 25.44 12.55 6.69
C ARG B 279 26.74 12.49 5.90
N ASP B 280 27.81 13.09 6.42
CA ASP B 280 29.07 13.19 5.69
C ASP B 280 30.10 12.14 6.10
N VAL B 281 29.98 11.55 7.29
CA VAL B 281 30.99 10.65 7.83
C VAL B 281 31.10 9.35 7.05
N PRO B 282 29.99 8.69 6.64
CA PRO B 282 30.15 7.46 5.85
C PRO B 282 30.86 7.71 4.53
N GLY B 283 31.58 6.70 4.07
CA GLY B 283 32.40 6.86 2.88
C GLY B 283 31.56 6.89 1.62
N SER B 284 31.86 7.86 0.73
CA SER B 284 31.16 7.99 -0.53
C SER B 284 31.63 6.99 -1.58
N VAL B 285 32.69 6.23 -1.30
CA VAL B 285 33.28 5.34 -2.28
C VAL B 285 32.32 4.21 -2.60
N HIS B 286 32.19 3.88 -3.89
CA HIS B 286 31.39 2.75 -4.32
C HIS B 286 32.18 1.46 -4.13
N ARG B 287 31.47 0.40 -3.75
CA ARG B 287 32.06 -0.92 -3.54
C ARG B 287 31.37 -1.93 -4.44
N GLN B 288 32.10 -2.98 -4.80
CA GLN B 288 31.55 -4.02 -5.65
C GLN B 288 31.79 -5.42 -5.12
N ALA B 289 32.96 -5.68 -4.53
CA ALA B 289 33.20 -6.97 -3.91
C ALA B 289 32.18 -7.25 -2.81
N THR B 290 31.71 -6.20 -2.12
CA THR B 290 30.59 -6.36 -1.21
C THR B 290 29.38 -6.94 -1.92
N LEU B 291 29.15 -6.51 -3.16
CA LEU B 291 27.93 -6.88 -3.88
C LEU B 291 28.03 -8.29 -4.46
N GLU B 292 29.20 -8.66 -4.96
CA GLU B 292 29.39 -10.00 -5.51
C GLU B 292 29.47 -11.04 -4.40
N GLU B 293 30.28 -10.77 -3.38
CA GLU B 293 30.27 -11.60 -2.17
C GLU B 293 28.89 -11.61 -1.52
N LEU B 294 28.07 -10.60 -1.79
CA LEU B 294 26.70 -10.60 -1.29
C LEU B 294 25.80 -11.49 -2.14
N LYS B 295 26.03 -11.56 -3.45
CA LYS B 295 25.38 -12.58 -4.25
C LYS B 295 25.71 -13.97 -3.73
N LYS B 296 27.00 -14.23 -3.49
CA LYS B 296 27.41 -15.48 -2.87
C LYS B 296 26.72 -15.68 -1.53
N PHE B 297 26.55 -14.60 -0.76
CA PHE B 297 25.96 -14.72 0.56
C PHE B 297 24.50 -15.11 0.50
N ASN B 298 23.71 -14.44 -0.35
CA ASN B 298 22.30 -14.80 -0.49
C ASN B 298 22.15 -16.23 -1.00
N ALA B 299 22.92 -16.58 -2.03
CA ALA B 299 22.91 -17.96 -2.52
C ALA B 299 23.20 -18.94 -1.40
N ARG B 300 24.08 -18.56 -0.47
CA ARG B 300 24.41 -19.44 0.65
C ARG B 300 23.27 -19.49 1.67
N ARG B 301 22.62 -18.36 1.93
CA ARG B 301 21.55 -18.30 2.91
C ARG B 301 20.38 -19.18 2.49
N LYS B 302 19.96 -19.08 1.23
CA LYS B 302 18.79 -19.84 0.80
C LYS B 302 19.06 -21.35 0.71
N LEU B 303 20.23 -21.82 1.12
CA LEU B 303 20.53 -23.25 1.06
C LEU B 303 19.84 -24.03 2.18
N LYS B 304 19.54 -23.37 3.30
CA LYS B 304 18.87 -23.94 4.47
C LYS B 304 19.74 -24.97 5.18
N GLY B 305 19.40 -25.28 6.44
CA GLY B 305 20.13 -26.26 7.23
C GLY B 305 21.39 -25.75 7.88
N GLY B 306 21.53 -25.98 9.19
CA GLY B 306 22.71 -25.60 9.95
C GLY B 306 23.07 -24.15 9.72
N VAL B 307 22.34 -23.28 10.41
CA VAL B 307 22.14 -21.87 10.05
C VAL B 307 21.10 -21.81 8.92
#